data_7YMF
#
_entry.id   7YMF
#
_cell.length_a   106.560
_cell.length_b   106.560
_cell.length_c   116.710
_cell.angle_alpha   90.000
_cell.angle_beta   90.000
_cell.angle_gamma   120.000
#
_symmetry.space_group_name_H-M   'H 3'
#
loop_
_entity.id
_entity.type
_entity.pdbx_description
1 polymer 'ATP-dependent RNA helicase DDX3X'
2 polymer 'ATP-dependent RNA helicase DDX3X'
3 water water
#
loop_
_entity_poly.entity_id
_entity_poly.type
_entity_poly.pdbx_seq_one_letter_code
_entity_poly.pdbx_strand_id
1 'polypeptide(L)'
;MGSSDHHHHHSSGLVPRGSHMEDDWSKPLPPSERLEQELFSGGNTGINFEKYDDIPVEATGNNCPPHIESFSDVEMGEII
MGNIELTRYTRPTPVQKHAIPIIKEKRDLMACAQTGSGKTAAFLLPILSQIYSDGPGEALRAMKENGRYGRRKQYPISLV
LAPTRELAVQIYEEARKFSYRSRVRPCVVYGGADIGQQIRDLERGCHLLVATPGRLVDMMERGKIGLDFCKYLVLDEADR
MLDMGFEPQIRRIVEQDTMPPKGVRHTMMFSATFPKEIQMLARDFLDEYIFLAVGRVGSTSEN
;
A
2 'polypeptide(L)'
;ITQKVVWVEESDKRSFLLDLLNATGKDSLTLVFVDPKKGADSLEDFLYHEGYACTSIHGDRSQRDREEALHQFRSGKSPI
LVATAVAARGLDISNVKHVINFDLPSDIEEYVHRIGRTGRVGNLGLATSFFNERNINITKDLLDLLVEAKQEVPSWLENM
AYEHHYKGSSLEHHHHHH
;
B
#
# COMPACT_ATOMS: atom_id res chain seq x y z
N ASP A 23 5.15 -9.21 20.34
CA ASP A 23 5.58 -10.07 19.23
C ASP A 23 6.74 -9.43 18.47
N ASP A 24 7.94 -10.03 18.54
CA ASP A 24 9.05 -9.60 17.69
C ASP A 24 8.99 -10.35 16.36
N TRP A 25 8.81 -9.60 15.26
CA TRP A 25 8.68 -10.19 13.93
C TRP A 25 10.04 -10.37 13.27
N SER A 26 11.08 -9.85 13.88
CA SER A 26 12.46 -9.94 13.40
C SER A 26 13.22 -11.12 13.97
N LYS A 27 12.58 -11.94 14.78
CA LYS A 27 13.26 -12.95 15.56
C LYS A 27 12.79 -14.33 15.09
N PRO A 28 13.69 -15.21 14.63
CA PRO A 28 13.23 -16.46 14.01
C PRO A 28 12.42 -17.31 14.98
N LEU A 29 11.38 -17.94 14.46
CA LEU A 29 10.65 -18.94 15.21
C LEU A 29 11.48 -20.22 15.22
N PRO A 30 11.14 -21.20 16.07
CA PRO A 30 11.96 -22.42 16.13
C PRO A 30 11.97 -23.18 14.82
N PRO A 31 13.10 -23.82 14.45
CA PRO A 31 13.15 -24.64 13.24
C PRO A 31 12.29 -25.92 13.25
N SER A 32 11.95 -26.44 12.07
CA SER A 32 11.20 -27.72 11.92
C SER A 32 11.91 -28.53 10.82
N GLU A 33 12.37 -29.74 11.13
CA GLU A 33 13.18 -30.51 10.15
C GLU A 33 12.34 -30.84 8.92
N ARG A 34 11.10 -31.26 9.13
CA ARG A 34 10.22 -31.64 8.01
C ARG A 34 10.04 -30.45 7.05
N LEU A 35 9.82 -29.24 7.57
CA LEU A 35 9.62 -28.04 6.71
C LEU A 35 10.90 -27.76 5.94
N GLU A 36 12.05 -27.78 6.61
CA GLU A 36 13.33 -27.55 5.92
C GLU A 36 13.49 -28.59 4.82
N GLN A 37 13.02 -29.82 5.06
CA GLN A 37 13.17 -30.87 4.06
C GLN A 37 12.26 -30.60 2.88
N GLU A 38 11.01 -30.20 3.17
CA GLU A 38 10.03 -29.92 2.12
C GLU A 38 10.42 -28.69 1.32
N LEU A 39 11.07 -27.72 1.97
CA LEU A 39 11.24 -26.38 1.43
C LEU A 39 12.56 -26.20 0.71
N PHE A 40 13.65 -26.68 1.32
CA PHE A 40 15.00 -26.38 0.88
C PHE A 40 15.64 -27.57 0.16
N SER A 41 14.89 -28.60 -0.12
CA SER A 41 15.33 -29.56 -1.11
C SER A 41 14.32 -29.52 -2.26
N GLY A 42 14.82 -29.58 -3.49
CA GLY A 42 13.89 -29.78 -4.59
C GLY A 42 13.21 -28.53 -5.12
N GLY A 43 13.72 -27.35 -4.81
CA GLY A 43 13.20 -26.15 -5.42
C GLY A 43 14.16 -25.55 -6.42
N ASN A 44 13.62 -24.75 -7.36
N ASN A 44 13.64 -24.70 -7.30
CA ASN A 44 14.33 -24.05 -8.42
CA ASN A 44 14.43 -24.06 -8.33
C ASN A 44 14.28 -22.55 -8.15
C ASN A 44 14.28 -22.55 -8.16
N THR A 45 15.30 -21.82 -8.61
CA THR A 45 15.31 -20.36 -8.44
C THR A 45 14.40 -19.64 -9.44
N GLY A 46 14.02 -20.34 -10.52
CA GLY A 46 13.36 -19.76 -11.67
C GLY A 46 14.24 -18.83 -12.47
N ILE A 47 15.57 -18.98 -12.42
CA ILE A 47 16.52 -18.09 -13.07
C ILE A 47 17.34 -18.87 -14.10
N ASN A 48 17.72 -18.18 -15.19
CA ASN A 48 18.73 -18.64 -16.16
C ASN A 48 19.99 -17.81 -15.95
N PHE A 49 20.89 -18.28 -15.10
CA PHE A 49 22.10 -17.53 -14.76
C PHE A 49 23.03 -17.40 -15.97
N GLU A 50 23.14 -18.45 -16.79
CA GLU A 50 23.97 -18.39 -17.99
C GLU A 50 23.64 -17.16 -18.82
N LYS A 51 22.39 -17.03 -19.25
CA LYS A 51 21.95 -15.89 -20.04
C LYS A 51 22.10 -14.57 -19.28
N TYR A 52 21.59 -14.51 -18.02
CA TYR A 52 21.26 -13.22 -17.43
C TYR A 52 22.37 -12.63 -16.56
N ASP A 53 23.35 -13.43 -16.08
CA ASP A 53 24.50 -12.85 -15.38
C ASP A 53 25.28 -11.90 -16.28
N ASP A 54 25.26 -12.13 -17.59
CA ASP A 54 26.07 -11.35 -18.51
C ASP A 54 25.29 -10.29 -19.27
N ILE A 55 24.07 -9.97 -18.85
CA ILE A 55 23.31 -8.90 -19.49
C ILE A 55 23.26 -7.72 -18.51
N PRO A 56 23.67 -6.52 -18.93
CA PRO A 56 23.76 -5.40 -17.97
C PRO A 56 22.40 -4.81 -17.70
N VAL A 57 22.27 -4.26 -16.50
CA VAL A 57 21.06 -3.58 -16.05
C VAL A 57 21.36 -2.10 -15.87
N GLU A 58 20.41 -1.26 -16.24
CA GLU A 58 20.54 0.17 -16.12
C GLU A 58 19.37 0.72 -15.34
N ALA A 59 19.62 1.66 -14.43
CA ALA A 59 18.58 2.32 -13.66
C ALA A 59 18.62 3.81 -13.94
N THR A 60 17.44 4.44 -13.96
CA THR A 60 17.32 5.87 -14.19
C THR A 60 16.14 6.45 -13.40
N GLY A 61 16.34 7.65 -12.86
CA GLY A 61 15.37 8.26 -11.97
C GLY A 61 16.11 9.13 -10.98
N ASN A 62 15.34 9.75 -10.09
CA ASN A 62 15.91 10.68 -9.12
C ASN A 62 16.42 9.96 -7.88
N ASN A 63 17.67 10.25 -7.51
CA ASN A 63 18.28 9.73 -6.29
C ASN A 63 18.23 8.21 -6.28
N CYS A 64 18.59 7.62 -7.40
CA CYS A 64 18.56 6.17 -7.49
C CYS A 64 19.58 5.59 -6.54
N PRO A 65 19.17 4.82 -5.54
CA PRO A 65 20.14 4.15 -4.66
C PRO A 65 21.13 3.34 -5.48
N PRO A 66 22.39 3.28 -5.01
CA PRO A 66 23.42 2.51 -5.69
C PRO A 66 23.20 1.00 -5.65
N HIS A 67 23.64 0.31 -6.69
CA HIS A 67 23.50 -1.17 -6.77
C HIS A 67 24.39 -1.87 -5.75
N ILE A 68 23.97 -3.07 -5.37
CA ILE A 68 24.74 -3.89 -4.41
C ILE A 68 25.50 -4.96 -5.18
N GLU A 69 26.46 -5.62 -4.54
CA GLU A 69 27.23 -6.71 -5.17
C GLU A 69 26.95 -8.00 -4.40
N SER A 70 26.54 -7.87 -3.13
CA SER A 70 26.24 -9.04 -2.32
C SER A 70 24.97 -8.78 -1.55
N PHE A 71 24.22 -9.85 -1.24
CA PHE A 71 23.06 -9.70 -0.37
C PHE A 71 23.43 -9.03 0.96
N SER A 72 24.69 -9.20 1.42
CA SER A 72 25.18 -8.64 2.68
C SER A 72 25.35 -7.13 2.65
N ASP A 73 25.32 -6.55 1.46
CA ASP A 73 25.53 -5.12 1.29
C ASP A 73 24.37 -4.28 1.79
N VAL A 74 23.19 -4.87 1.98
CA VAL A 74 22.06 -4.22 2.65
C VAL A 74 21.77 -5.07 3.86
N GLU A 75 21.01 -4.54 4.82
CA GLU A 75 20.85 -5.37 6.00
C GLU A 75 19.43 -5.92 5.97
N MET A 76 19.33 -7.17 5.55
CA MET A 76 18.05 -7.81 5.44
C MET A 76 17.68 -8.62 6.67
N GLY A 77 18.55 -8.65 7.69
CA GLY A 77 18.16 -9.21 8.96
C GLY A 77 18.33 -10.71 9.07
N GLU A 78 18.15 -11.18 10.31
CA GLU A 78 18.49 -12.54 10.69
C GLU A 78 17.69 -13.57 9.89
N ILE A 79 16.37 -13.37 9.78
CA ILE A 79 15.49 -14.40 9.21
C ILE A 79 15.82 -14.63 7.74
N ILE A 80 16.04 -13.56 6.96
CA ILE A 80 16.37 -13.68 5.51
C ILE A 80 17.77 -14.27 5.31
N MET A 81 18.75 -13.83 6.09
CA MET A 81 20.14 -14.29 5.90
C MET A 81 20.24 -15.80 6.18
N GLY A 82 19.46 -16.30 7.13
CA GLY A 82 19.44 -17.74 7.39
C GLY A 82 18.74 -18.49 6.28
N ASN A 83 17.62 -17.96 5.82
CA ASN A 83 16.87 -18.60 4.72
C ASN A 83 17.73 -18.55 3.44
N ILE A 84 18.53 -17.51 3.28
CA ILE A 84 19.43 -17.40 2.10
C ILE A 84 20.45 -18.53 2.16
N GLU A 85 20.94 -18.82 3.35
CA GLU A 85 21.91 -19.93 3.55
C GLU A 85 21.23 -21.27 3.29
N LEU A 86 19.98 -21.45 3.72
CA LEU A 86 19.24 -22.72 3.52
C LEU A 86 18.87 -22.90 2.04
N THR A 87 18.69 -21.81 1.29
CA THR A 87 18.36 -21.84 -0.15
C THR A 87 19.66 -22.06 -0.94
N ARG A 88 20.80 -21.75 -0.31
CA ARG A 88 22.14 -21.86 -0.96
C ARG A 88 22.25 -20.79 -2.03
N TYR A 89 21.61 -19.66 -1.81
CA TYR A 89 21.75 -18.51 -2.73
C TYR A 89 23.11 -17.88 -2.43
N THR A 90 23.79 -17.43 -3.48
CA THR A 90 25.15 -16.86 -3.32
C THR A 90 25.20 -15.45 -3.93
N ARG A 91 25.69 -15.34 -5.15
CA ARG A 91 25.82 -14.02 -5.82
C ARG A 91 24.47 -13.62 -6.43
N PRO A 92 24.04 -12.36 -6.26
CA PRO A 92 22.80 -11.92 -6.89
C PRO A 92 22.99 -11.78 -8.38
N THR A 93 21.89 -11.94 -9.12
CA THR A 93 21.87 -11.57 -10.51
C THR A 93 21.87 -10.06 -10.63
N PRO A 94 22.16 -9.56 -11.85
CA PRO A 94 22.14 -8.09 -12.06
C PRO A 94 20.83 -7.40 -11.73
N VAL A 95 19.68 -7.98 -12.13
CA VAL A 95 18.39 -7.45 -11.65
C VAL A 95 18.36 -7.36 -10.14
N GLN A 96 18.82 -8.39 -9.46
CA GLN A 96 18.75 -8.33 -8.01
C GLN A 96 19.68 -7.24 -7.48
N LYS A 97 20.87 -7.12 -8.04
CA LYS A 97 21.82 -6.11 -7.60
C LYS A 97 21.22 -4.71 -7.70
N HIS A 98 20.46 -4.41 -8.75
CA HIS A 98 19.88 -3.07 -8.86
C HIS A 98 18.53 -2.92 -8.17
N ALA A 99 17.66 -3.93 -8.21
CA ALA A 99 16.32 -3.79 -7.68
C ALA A 99 16.30 -3.84 -6.15
N ILE A 100 17.13 -4.68 -5.54
CA ILE A 100 17.05 -4.85 -4.08
C ILE A 100 17.29 -3.56 -3.34
N PRO A 101 18.35 -2.76 -3.61
CA PRO A 101 18.49 -1.49 -2.88
C PRO A 101 17.33 -0.52 -3.16
N ILE A 102 16.84 -0.50 -4.40
CA ILE A 102 15.70 0.37 -4.72
C ILE A 102 14.51 0.01 -3.83
N ILE A 103 14.13 -1.27 -3.80
CA ILE A 103 12.97 -1.67 -2.99
C ILE A 103 13.25 -1.43 -1.51
N LYS A 104 14.48 -1.71 -1.07
CA LYS A 104 14.86 -1.58 0.33
C LYS A 104 14.78 -0.12 0.78
N GLU A 105 14.98 0.83 -0.14
CA GLU A 105 14.78 2.24 0.16
C GLU A 105 13.32 2.65 0.17
N LYS A 106 12.41 1.71 -0.13
CA LYS A 106 10.98 1.99 -0.31
C LYS A 106 10.70 2.91 -1.50
N ARG A 107 11.48 2.79 -2.57
CA ARG A 107 11.24 3.56 -3.78
C ARG A 107 10.39 2.73 -4.75
N ASP A 108 9.37 3.35 -5.36
CA ASP A 108 8.62 2.60 -6.37
C ASP A 108 9.51 2.25 -7.54
N LEU A 109 9.13 1.21 -8.26
CA LEU A 109 9.99 0.63 -9.28
C LEU A 109 9.15 0.19 -10.47
N MET A 110 9.63 0.56 -11.66
CA MET A 110 9.17 0.01 -12.92
C MET A 110 10.35 -0.71 -13.52
N ALA A 111 10.27 -2.04 -13.65
CA ALA A 111 11.41 -2.83 -14.10
C ALA A 111 11.02 -3.58 -15.37
N CYS A 112 11.67 -3.23 -16.49
CA CYS A 112 11.58 -3.96 -17.75
C CYS A 112 12.60 -5.08 -17.67
N ALA A 113 12.13 -6.25 -17.22
CA ALA A 113 13.00 -7.35 -16.84
C ALA A 113 12.24 -8.65 -17.04
N GLN A 114 12.92 -9.64 -17.62
CA GLN A 114 12.32 -10.90 -18.04
C GLN A 114 12.18 -11.86 -16.85
N THR A 115 11.17 -12.74 -16.92
CA THR A 115 11.08 -13.88 -16.00
C THR A 115 12.23 -14.82 -16.28
N GLY A 116 13.04 -15.11 -15.26
CA GLY A 116 14.32 -15.75 -15.44
C GLY A 116 15.49 -14.81 -15.22
N SER A 117 15.27 -13.51 -15.06
CA SER A 117 16.39 -12.61 -14.78
C SER A 117 16.65 -12.48 -13.29
N GLY A 118 15.75 -13.01 -12.45
CA GLY A 118 15.91 -12.89 -11.00
C GLY A 118 14.95 -11.94 -10.32
N LYS A 119 13.79 -11.66 -10.91
CA LYS A 119 12.81 -10.71 -10.33
C LYS A 119 12.28 -11.15 -8.97
N THR A 120 11.84 -12.41 -8.87
CA THR A 120 11.09 -12.87 -7.69
C THR A 120 11.83 -12.59 -6.40
N ALA A 121 13.06 -13.05 -6.28
CA ALA A 121 13.84 -12.77 -5.08
C ALA A 121 14.14 -11.28 -4.95
N ALA A 122 14.39 -10.61 -6.10
CA ALA A 122 14.60 -9.16 -6.11
C ALA A 122 13.48 -8.45 -5.34
N PHE A 123 12.22 -8.92 -5.50
CA PHE A 123 11.23 -8.20 -4.69
C PHE A 123 10.92 -8.85 -3.36
N LEU A 124 10.97 -10.20 -3.27
CA LEU A 124 10.54 -10.89 -2.06
C LEU A 124 11.51 -10.65 -0.91
N LEU A 125 12.82 -10.67 -1.17
CA LEU A 125 13.76 -10.50 -0.07
C LEU A 125 13.59 -9.17 0.62
N PRO A 126 13.64 -8.01 -0.06
CA PRO A 126 13.49 -6.76 0.68
C PRO A 126 12.10 -6.54 1.21
N ILE A 127 11.04 -7.01 0.53
CA ILE A 127 9.71 -6.86 1.10
C ILE A 127 9.61 -7.62 2.41
N LEU A 128 9.98 -8.89 2.40
CA LEU A 128 9.87 -9.70 3.62
C LEU A 128 10.73 -9.13 4.74
N SER A 129 11.95 -8.74 4.38
CA SER A 129 12.87 -8.10 5.33
C SER A 129 12.23 -6.92 6.08
N GLN A 130 11.67 -5.98 5.32
CA GLN A 130 10.88 -4.86 5.85
C GLN A 130 9.66 -5.28 6.67
N ILE A 131 8.93 -6.32 6.26
CA ILE A 131 7.84 -6.77 7.12
C ILE A 131 8.41 -7.28 8.46
N TYR A 132 9.56 -7.95 8.44
CA TYR A 132 10.17 -8.48 9.67
C TYR A 132 10.63 -7.36 10.61
N SER A 133 11.29 -6.34 10.09
CA SER A 133 11.74 -5.29 11.01
C SER A 133 10.66 -4.30 11.38
N ASP A 134 9.57 -4.21 10.62
CA ASP A 134 8.48 -3.30 10.98
C ASP A 134 7.35 -3.99 11.71
N GLY A 135 7.23 -5.29 11.56
CA GLY A 135 6.10 -6.00 12.10
C GLY A 135 4.86 -5.72 11.29
N PRO A 136 3.71 -6.28 11.70
CA PRO A 136 2.49 -6.18 10.89
C PRO A 136 1.85 -4.80 10.85
N GLY A 137 2.12 -3.96 11.84
CA GLY A 137 1.44 -2.66 11.90
C GLY A 137 0.50 -2.64 13.09
N GLU A 138 0.01 -1.48 13.47
CA GLU A 138 -0.84 -1.35 14.69
C GLU A 138 -2.21 -1.94 14.45
N ALA A 139 -2.71 -1.83 13.22
CA ALA A 139 -4.07 -2.32 12.94
C ALA A 139 -4.11 -3.83 13.15
N LEU A 140 -3.16 -4.54 12.56
CA LEU A 140 -3.15 -6.02 12.66
C LEU A 140 -2.74 -6.37 14.09
N ARG A 141 -1.88 -5.54 14.69
CA ARG A 141 -1.52 -5.72 16.11
C ARG A 141 -2.68 -5.16 16.93
N ALA A 142 -3.77 -5.91 17.04
CA ALA A 142 -4.99 -5.45 17.74
C ALA A 142 -6.12 -6.45 17.49
N LYS A 153 -11.85 -10.21 5.61
CA LYS A 153 -11.63 -11.11 6.76
C LYS A 153 -10.12 -11.35 6.91
N GLN A 154 -9.39 -11.59 5.81
CA GLN A 154 -7.93 -11.56 5.82
C GLN A 154 -7.41 -10.28 5.17
N TYR A 155 -6.37 -9.70 5.77
CA TYR A 155 -5.82 -8.40 5.39
C TYR A 155 -4.33 -8.60 5.13
N PRO A 156 -3.96 -9.00 3.93
CA PRO A 156 -2.54 -9.20 3.64
C PRO A 156 -1.73 -7.90 3.73
N ILE A 157 -0.50 -8.05 4.18
CA ILE A 157 0.43 -6.94 4.24
C ILE A 157 1.06 -6.68 2.87
N SER A 158 1.16 -7.72 2.04
CA SER A 158 1.79 -7.66 0.72
C SER A 158 0.91 -8.40 -0.28
N LEU A 159 0.73 -7.82 -1.47
CA LEU A 159 0.03 -8.47 -2.56
C LEU A 159 0.90 -8.53 -3.81
N VAL A 160 0.97 -9.70 -4.44
CA VAL A 160 1.67 -9.90 -5.72
C VAL A 160 0.63 -10.42 -6.69
N LEU A 161 0.45 -9.72 -7.80
CA LEU A 161 -0.42 -10.19 -8.88
C LEU A 161 0.39 -10.84 -10.00
N ALA A 162 -0.12 -11.93 -10.56
CA ALA A 162 0.59 -12.68 -11.59
C ALA A 162 -0.43 -13.06 -12.64
N PRO A 163 -0.01 -13.23 -13.90
CA PRO A 163 -0.99 -13.56 -14.95
C PRO A 163 -1.49 -15.02 -14.90
N THR A 164 -0.76 -15.95 -14.31
CA THR A 164 -1.02 -17.36 -14.49
C THR A 164 -0.82 -18.11 -13.19
N ARG A 165 -1.51 -19.24 -13.07
CA ARG A 165 -1.27 -20.21 -12.01
C ARG A 165 0.21 -20.57 -11.90
N GLU A 166 0.87 -20.83 -13.03
CA GLU A 166 2.25 -21.29 -12.97
C GLU A 166 3.18 -20.24 -12.34
N LEU A 167 3.08 -18.98 -12.81
CA LEU A 167 3.93 -17.97 -12.18
C LEU A 167 3.48 -17.70 -10.75
N ALA A 168 2.16 -17.63 -10.51
CA ALA A 168 1.71 -17.42 -9.12
C ALA A 168 2.33 -18.46 -8.18
N VAL A 169 2.30 -19.73 -8.59
CA VAL A 169 2.83 -20.80 -7.73
C VAL A 169 4.35 -20.70 -7.62
N GLN A 170 5.07 -20.47 -8.74
CA GLN A 170 6.51 -20.17 -8.65
C GLN A 170 6.78 -19.16 -7.53
N ILE A 171 6.02 -18.07 -7.51
CA ILE A 171 6.33 -16.98 -6.59
C ILE A 171 5.99 -17.38 -5.18
N TYR A 172 4.86 -18.06 -5.03
CA TYR A 172 4.43 -18.53 -3.73
C TYR A 172 5.47 -19.43 -3.08
N GLU A 173 6.07 -20.34 -3.89
CA GLU A 173 7.07 -21.27 -3.34
C GLU A 173 8.33 -20.52 -2.92
N GLU A 174 8.73 -19.51 -3.72
CA GLU A 174 9.85 -18.67 -3.25
C GLU A 174 9.53 -17.95 -1.95
N ALA A 175 8.30 -17.40 -1.86
CA ALA A 175 7.86 -16.74 -0.64
C ALA A 175 7.93 -17.72 0.53
N ARG A 176 7.53 -18.98 0.30
CA ARG A 176 7.56 -19.94 1.40
C ARG A 176 8.98 -20.17 1.89
N LYS A 177 9.94 -20.25 0.95
CA LYS A 177 11.33 -20.45 1.38
C LYS A 177 11.83 -19.26 2.19
N PHE A 178 11.44 -18.03 1.82
CA PHE A 178 12.01 -16.90 2.56
C PHE A 178 11.15 -16.42 3.73
N SER A 179 9.98 -17.04 3.96
CA SER A 179 9.24 -16.78 5.19
C SER A 179 9.36 -17.91 6.22
N TYR A 180 10.19 -18.93 5.94
CA TYR A 180 10.51 -19.96 6.92
C TYR A 180 11.04 -19.36 8.21
N ARG A 181 10.43 -19.75 9.34
CA ARG A 181 10.78 -19.28 10.68
C ARG A 181 10.31 -17.85 10.93
N SER A 182 9.39 -17.35 10.09
CA SER A 182 8.77 -16.05 10.26
C SER A 182 7.30 -16.20 10.61
N ARG A 183 6.73 -15.10 11.13
CA ARG A 183 5.28 -15.02 11.34
C ARG A 183 4.50 -14.84 10.04
N VAL A 184 5.18 -14.52 8.93
CA VAL A 184 4.48 -14.31 7.67
C VAL A 184 4.01 -15.65 7.10
N ARG A 185 2.74 -15.74 6.80
CA ARG A 185 2.21 -16.92 6.16
C ARG A 185 1.82 -16.59 4.73
N PRO A 186 2.48 -17.13 3.71
CA PRO A 186 2.09 -16.82 2.34
C PRO A 186 0.93 -17.69 1.89
N CYS A 187 0.15 -17.16 0.95
CA CYS A 187 -0.90 -17.93 0.30
C CYS A 187 -0.93 -17.58 -1.18
N VAL A 188 -1.54 -18.45 -1.97
CA VAL A 188 -1.66 -18.21 -3.40
C VAL A 188 -3.06 -18.57 -3.82
N VAL A 189 -3.65 -17.81 -4.73
CA VAL A 189 -4.95 -18.14 -5.28
C VAL A 189 -4.93 -17.89 -6.77
N TYR A 190 -5.63 -18.73 -7.51
CA TYR A 190 -5.65 -18.58 -8.94
C TYR A 190 -6.96 -19.12 -9.46
N GLY A 191 -7.33 -18.68 -10.67
CA GLY A 191 -8.51 -19.20 -11.33
C GLY A 191 -8.28 -20.59 -11.91
N GLY A 192 -9.39 -21.19 -12.35
CA GLY A 192 -9.36 -22.54 -12.88
C GLY A 192 -9.12 -23.61 -11.84
N ALA A 193 -9.21 -23.25 -10.57
CA ALA A 193 -9.13 -24.16 -9.46
C ALA A 193 -10.22 -23.72 -8.49
N ASP A 194 -10.56 -24.59 -7.53
CA ASP A 194 -11.82 -24.45 -6.83
C ASP A 194 -11.75 -23.39 -5.72
N ILE A 195 -12.66 -22.41 -5.79
CA ILE A 195 -12.61 -21.27 -4.84
C ILE A 195 -12.80 -21.73 -3.41
N GLY A 196 -13.62 -22.76 -3.20
CA GLY A 196 -13.84 -23.33 -1.85
C GLY A 196 -12.60 -23.64 -1.05
N GLN A 197 -11.66 -24.41 -1.61
CA GLN A 197 -10.48 -24.77 -0.80
C GLN A 197 -9.51 -23.61 -0.66
N GLN A 198 -9.42 -22.75 -1.69
CA GLN A 198 -8.60 -21.53 -1.58
C GLN A 198 -9.10 -20.67 -0.42
N ILE A 199 -10.43 -20.50 -0.33
CA ILE A 199 -11.05 -19.83 0.82
C ILE A 199 -10.61 -20.50 2.12
N ARG A 200 -10.78 -21.82 2.19
CA ARG A 200 -10.45 -22.53 3.43
C ARG A 200 -8.97 -22.36 3.80
N ASP A 201 -8.08 -22.24 2.81
CA ASP A 201 -6.66 -22.02 3.08
C ASP A 201 -6.38 -20.59 3.54
N LEU A 202 -7.06 -19.60 2.95
CA LEU A 202 -6.92 -18.21 3.40
C LEU A 202 -7.26 -18.05 4.87
N GLU A 203 -8.39 -18.65 5.27
CA GLU A 203 -8.89 -18.53 6.64
C GLU A 203 -7.89 -18.98 7.68
N ARG A 204 -6.86 -19.72 7.26
CA ARG A 204 -5.79 -20.11 8.14
C ARG A 204 -4.73 -19.03 8.30
N GLY A 205 -4.91 -17.86 7.68
CA GLY A 205 -4.00 -16.75 7.96
C GLY A 205 -3.18 -16.42 6.73
N CYS A 206 -3.04 -15.12 6.44
CA CYS A 206 -2.43 -14.70 5.18
C CYS A 206 -1.83 -13.32 5.34
N HIS A 207 -0.51 -13.23 5.27
CA HIS A 207 0.20 -11.97 5.37
C HIS A 207 0.79 -11.50 4.03
N LEU A 208 1.01 -12.43 3.11
CA LEU A 208 1.44 -12.15 1.74
C LEU A 208 0.60 -13.00 0.81
N LEU A 209 -0.19 -12.37 -0.05
CA LEU A 209 -1.03 -13.08 -1.01
C LEU A 209 -0.44 -12.96 -2.41
N VAL A 210 -0.29 -14.11 -3.11
CA VAL A 210 -0.02 -14.13 -4.53
C VAL A 210 -1.30 -14.53 -5.23
N ALA A 211 -1.70 -13.80 -6.29
CA ALA A 211 -3.02 -14.06 -6.86
C ALA A 211 -3.05 -13.74 -8.33
N THR A 212 -3.88 -14.50 -9.06
CA THR A 212 -4.27 -14.00 -10.37
C THR A 212 -5.47 -13.04 -10.22
N PRO A 213 -5.57 -12.00 -11.06
CA PRO A 213 -6.45 -10.86 -10.73
C PRO A 213 -7.94 -11.16 -10.63
N GLY A 214 -8.49 -12.01 -11.51
CA GLY A 214 -9.91 -12.31 -11.45
C GLY A 214 -10.30 -13.09 -10.21
N ARG A 215 -9.44 -14.01 -9.78
CA ARG A 215 -9.70 -14.81 -8.55
C ARG A 215 -9.68 -13.90 -7.31
N LEU A 216 -8.82 -12.90 -7.28
CA LEU A 216 -8.74 -11.97 -6.12
C LEU A 216 -10.05 -11.15 -6.05
N VAL A 217 -10.54 -10.67 -7.19
CA VAL A 217 -11.81 -9.88 -7.25
C VAL A 217 -12.94 -10.74 -6.69
N ASP A 218 -12.98 -12.04 -7.04
CA ASP A 218 -13.99 -12.96 -6.46
C ASP A 218 -13.84 -12.99 -4.94
N MET A 219 -12.62 -13.12 -4.48
CA MET A 219 -12.37 -13.21 -3.02
C MET A 219 -12.77 -11.88 -2.37
N MET A 220 -12.58 -10.78 -3.10
CA MET A 220 -12.93 -9.51 -2.49
C MET A 220 -14.44 -9.37 -2.41
N GLU A 221 -15.12 -9.70 -3.51
CA GLU A 221 -16.57 -9.67 -3.55
C GLU A 221 -17.21 -10.60 -2.52
N ARG A 222 -16.52 -11.68 -2.12
CA ARG A 222 -17.04 -12.59 -1.10
C ARG A 222 -16.63 -12.19 0.29
N GLY A 223 -15.95 -11.05 0.43
CA GLY A 223 -15.54 -10.57 1.73
C GLY A 223 -14.46 -11.36 2.39
N LYS A 224 -13.67 -12.11 1.60
CA LYS A 224 -12.63 -12.98 2.19
C LYS A 224 -11.29 -12.28 2.32
N ILE A 225 -11.07 -11.28 1.46
CA ILE A 225 -9.78 -10.54 1.46
C ILE A 225 -10.01 -9.05 1.59
N GLY A 226 -9.29 -8.41 2.51
CA GLY A 226 -9.31 -6.95 2.61
C GLY A 226 -7.97 -6.39 2.19
N LEU A 227 -7.94 -5.22 1.54
CA LEU A 227 -6.69 -4.61 1.04
C LEU A 227 -6.32 -3.35 1.82
N ASP A 228 -6.97 -3.11 2.97
CA ASP A 228 -6.77 -1.86 3.76
C ASP A 228 -5.37 -1.77 4.33
N PHE A 229 -4.69 -2.90 4.50
CA PHE A 229 -3.36 -2.89 5.16
C PHE A 229 -2.29 -3.38 4.18
N CYS A 230 -2.60 -3.34 2.89
CA CYS A 230 -1.64 -3.80 1.89
C CYS A 230 -0.65 -2.67 1.61
N LYS A 231 0.57 -2.81 2.16
CA LYS A 231 1.64 -1.83 2.02
C LYS A 231 2.68 -2.18 0.95
N TYR A 232 2.69 -3.39 0.40
CA TYR A 232 3.61 -3.78 -0.66
C TYR A 232 2.81 -4.38 -1.80
N LEU A 233 2.85 -3.75 -2.96
CA LEU A 233 2.11 -4.21 -4.12
C LEU A 233 3.11 -4.49 -5.23
N VAL A 234 3.04 -5.70 -5.79
CA VAL A 234 3.88 -6.14 -6.89
C VAL A 234 2.95 -6.59 -8.01
N LEU A 235 3.21 -6.11 -9.22
CA LEU A 235 2.58 -6.63 -10.43
C LEU A 235 3.70 -7.30 -11.23
N ASP A 236 3.61 -8.61 -11.38
CA ASP A 236 4.61 -9.36 -12.10
C ASP A 236 4.06 -9.74 -13.46
N GLU A 237 4.94 -9.71 -14.45
CA GLU A 237 4.56 -9.96 -15.84
C GLU A 237 3.35 -9.10 -16.20
N ALA A 238 3.45 -7.80 -15.85
CA ALA A 238 2.32 -6.90 -16.07
C ALA A 238 1.89 -6.89 -17.54
N ASP A 239 2.84 -6.92 -18.49
CA ASP A 239 2.44 -6.95 -19.90
C ASP A 239 1.56 -8.17 -20.22
N ARG A 240 1.93 -9.35 -19.71
CA ARG A 240 1.08 -10.50 -19.96
C ARG A 240 -0.27 -10.34 -19.27
N MET A 241 -0.28 -9.83 -18.03
CA MET A 241 -1.56 -9.63 -17.35
C MET A 241 -2.53 -8.79 -18.18
N LEU A 242 -2.02 -7.69 -18.79
CA LEU A 242 -2.83 -6.86 -19.67
C LEU A 242 -3.26 -7.60 -20.92
N ASP A 243 -2.33 -8.32 -21.55
CA ASP A 243 -2.62 -9.02 -22.80
C ASP A 243 -3.72 -10.09 -22.61
N MET A 244 -3.74 -10.77 -21.47
CA MET A 244 -4.78 -11.74 -21.12
C MET A 244 -6.08 -11.08 -20.62
N GLY A 245 -6.24 -9.75 -20.74
CA GLY A 245 -7.48 -9.05 -20.42
C GLY A 245 -7.72 -8.76 -18.96
N PHE A 246 -6.69 -8.75 -18.11
CA PHE A 246 -6.89 -8.51 -16.69
C PHE A 246 -6.86 -7.04 -16.28
N GLU A 247 -6.59 -6.11 -17.20
CA GLU A 247 -6.53 -4.70 -16.78
C GLU A 247 -7.78 -4.20 -16.06
N PRO A 248 -9.02 -4.57 -16.44
CA PRO A 248 -10.17 -4.15 -15.62
C PRO A 248 -10.12 -4.66 -14.20
N GLN A 249 -9.84 -5.94 -14.02
CA GLN A 249 -9.68 -6.50 -12.67
C GLN A 249 -8.57 -5.81 -11.91
N ILE A 250 -7.47 -5.46 -12.57
CA ILE A 250 -6.32 -4.87 -11.83
C ILE A 250 -6.68 -3.47 -11.33
N ARG A 251 -7.35 -2.68 -12.17
CA ARG A 251 -7.74 -1.30 -11.81
C ARG A 251 -8.76 -1.34 -10.67
N ARG A 252 -9.62 -2.35 -10.66
CA ARG A 252 -10.62 -2.50 -9.58
C ARG A 252 -9.90 -2.80 -8.27
N ILE A 253 -8.97 -3.75 -8.26
CA ILE A 253 -8.18 -4.11 -7.05
C ILE A 253 -7.31 -2.94 -6.60
N VAL A 254 -6.74 -2.21 -7.54
CA VAL A 254 -5.75 -1.23 -7.09
C VAL A 254 -6.36 0.17 -6.87
N GLU A 255 -7.21 0.64 -7.78
CA GLU A 255 -7.76 2.00 -7.83
C GLU A 255 -9.15 2.17 -7.22
N GLN A 256 -10.00 1.16 -7.35
CA GLN A 256 -11.43 1.31 -6.97
C GLN A 256 -11.81 0.52 -5.72
N ASP A 257 -10.89 0.29 -4.82
CA ASP A 257 -11.24 -0.38 -3.55
C ASP A 257 -10.50 0.29 -2.38
N THR A 258 -10.09 -0.48 -1.38
CA THR A 258 -9.49 0.07 -0.15
C THR A 258 -7.95 -0.02 -0.11
N MET A 259 -7.30 -0.37 -1.20
CA MET A 259 -5.82 -0.42 -1.22
C MET A 259 -5.27 0.98 -0.96
N PRO A 260 -4.32 1.16 -0.04
CA PRO A 260 -3.72 2.47 0.16
C PRO A 260 -3.14 2.99 -1.13
N PRO A 261 -3.23 4.29 -1.34
CA PRO A 261 -2.80 4.88 -2.61
C PRO A 261 -1.29 4.92 -2.69
N LYS A 262 -0.79 5.25 -3.88
CA LYS A 262 0.63 5.44 -4.04
C LYS A 262 1.11 6.54 -3.11
N GLY A 263 2.41 6.53 -2.84
CA GLY A 263 2.95 7.32 -1.77
C GLY A 263 2.71 6.74 -0.39
N VAL A 264 1.72 5.87 -0.21
CA VAL A 264 1.50 5.20 1.08
C VAL A 264 1.96 3.74 0.98
N ARG A 265 1.31 2.98 0.11
CA ARG A 265 1.87 1.69 -0.28
C ARG A 265 3.16 1.89 -1.08
N HIS A 266 3.95 0.82 -1.13
N HIS A 266 3.98 0.82 -1.10
CA HIS A 266 5.14 0.76 -1.95
CA HIS A 266 5.18 0.70 -1.92
C HIS A 266 4.87 -0.21 -3.09
C HIS A 266 4.83 -0.21 -3.09
N THR A 267 5.07 0.25 -4.33
CA THR A 267 4.66 -0.49 -5.52
C THR A 267 5.82 -0.80 -6.47
N MET A 268 5.78 -2.02 -7.02
CA MET A 268 6.79 -2.53 -7.94
C MET A 268 6.05 -3.17 -9.10
N MET A 269 6.46 -2.83 -10.32
CA MET A 269 5.81 -3.34 -11.51
C MET A 269 6.89 -3.91 -12.39
N PHE A 270 6.71 -5.15 -12.86
CA PHE A 270 7.68 -5.85 -13.68
C PHE A 270 7.05 -6.24 -15.01
N SER A 271 7.81 -6.08 -16.09
CA SER A 271 7.28 -6.32 -17.41
C SER A 271 8.45 -6.51 -18.37
N ALA A 272 8.38 -7.51 -19.23
CA ALA A 272 9.44 -7.77 -20.20
C ALA A 272 9.40 -6.82 -21.40
N THR A 273 8.26 -6.19 -21.64
CA THR A 273 8.06 -5.27 -22.74
C THR A 273 7.54 -4.00 -22.11
N PHE A 274 7.65 -2.88 -22.82
CA PHE A 274 7.20 -1.62 -22.23
C PHE A 274 6.37 -0.85 -23.24
N PRO A 275 5.17 -1.38 -23.56
CA PRO A 275 4.25 -0.70 -24.48
C PRO A 275 3.53 0.48 -23.81
N LYS A 276 2.72 1.22 -24.57
CA LYS A 276 2.04 2.42 -24.03
C LYS A 276 1.15 2.09 -22.84
N GLU A 277 0.44 0.97 -22.93
CA GLU A 277 -0.50 0.60 -21.85
C GLU A 277 0.26 0.33 -20.53
N ILE A 278 1.46 -0.23 -20.60
CA ILE A 278 2.29 -0.47 -19.37
C ILE A 278 2.82 0.86 -18.84
N GLN A 279 3.23 1.76 -19.73
CA GLN A 279 3.67 3.11 -19.32
C GLN A 279 2.50 3.84 -18.63
N MET A 280 1.29 3.67 -19.13
CA MET A 280 0.10 4.28 -18.49
C MET A 280 -0.11 3.67 -17.10
N LEU A 281 -0.01 2.35 -17.01
CA LEU A 281 -0.22 1.67 -15.71
C LEU A 281 0.89 2.14 -14.78
N ALA A 282 2.12 2.16 -15.27
CA ALA A 282 3.23 2.72 -14.49
C ALA A 282 2.91 4.13 -14.01
N ARG A 283 2.53 5.04 -14.92
CA ARG A 283 2.26 6.43 -14.50
C ARG A 283 1.11 6.48 -13.50
N ASP A 284 0.08 5.65 -13.69
CA ASP A 284 -1.04 5.69 -12.75
C ASP A 284 -0.70 5.08 -11.40
N PHE A 285 0.11 4.02 -11.37
CA PHE A 285 0.19 3.17 -10.18
C PHE A 285 1.41 3.45 -9.33
N LEU A 286 2.48 4.03 -9.89
CA LEU A 286 3.76 4.20 -9.23
C LEU A 286 4.01 5.69 -8.93
N ASP A 287 4.77 5.94 -7.85
CA ASP A 287 5.03 7.28 -7.35
C ASP A 287 6.54 7.53 -7.39
N GLU A 288 6.97 8.44 -8.23
CA GLU A 288 8.33 8.97 -8.18
C GLU A 288 9.36 7.82 -8.30
N TYR A 289 9.23 7.08 -9.41
CA TYR A 289 9.69 5.71 -9.46
C TYR A 289 11.04 5.64 -10.19
N ILE A 290 11.83 4.64 -9.83
CA ILE A 290 13.03 4.33 -10.57
C ILE A 290 12.66 3.41 -11.72
N PHE A 291 13.26 3.62 -12.88
CA PHE A 291 13.05 2.74 -14.02
C PHE A 291 14.28 1.88 -14.20
N LEU A 292 14.08 0.57 -14.32
N LEU A 292 14.07 0.57 -14.29
CA LEU A 292 15.14 -0.41 -14.50
CA LEU A 292 15.10 -0.43 -14.51
C LEU A 292 14.93 -1.11 -15.84
C LEU A 292 14.90 -1.05 -15.89
N ALA A 293 15.99 -1.25 -16.62
CA ALA A 293 15.92 -1.96 -17.89
C ALA A 293 17.01 -3.00 -17.90
N VAL A 294 16.63 -4.26 -18.24
CA VAL A 294 17.61 -5.30 -18.56
C VAL A 294 18.03 -5.14 -20.01
N GLY A 295 19.31 -5.05 -20.25
CA GLY A 295 19.69 -4.58 -21.57
C GLY A 295 19.27 -3.14 -21.73
N ILE B 1 -25.16 10.52 3.55
CA ILE B 1 -23.92 11.11 2.98
C ILE B 1 -22.80 10.11 3.20
N THR B 2 -22.00 9.87 2.16
CA THR B 2 -21.03 8.79 2.19
C THR B 2 -19.99 9.07 3.26
N GLN B 3 -19.87 8.19 4.26
CA GLN B 3 -18.84 8.28 5.28
C GLN B 3 -17.89 7.10 5.17
N LYS B 4 -16.62 7.42 4.94
CA LYS B 4 -15.57 6.44 4.71
C LYS B 4 -14.53 6.63 5.80
N VAL B 5 -14.31 5.59 6.61
CA VAL B 5 -13.28 5.58 7.64
C VAL B 5 -12.15 4.69 7.12
N VAL B 6 -10.94 5.25 6.98
CA VAL B 6 -9.80 4.52 6.45
C VAL B 6 -8.71 4.47 7.51
N TRP B 7 -8.01 3.34 7.58
CA TRP B 7 -6.90 3.21 8.49
C TRP B 7 -5.70 3.92 7.90
N VAL B 8 -5.18 4.92 8.60
CA VAL B 8 -4.01 5.66 8.12
C VAL B 8 -3.08 5.93 9.31
N GLU B 9 -1.91 5.30 9.30
CA GLU B 9 -0.89 5.63 10.28
C GLU B 9 -0.54 7.12 10.16
N GLU B 10 -0.15 7.71 11.30
CA GLU B 10 0.28 9.10 11.37
C GLU B 10 1.27 9.43 10.27
N SER B 11 2.26 8.57 10.06
CA SER B 11 3.32 8.95 9.14
C SER B 11 2.88 8.86 7.71
N ASP B 12 1.66 8.39 7.47
CA ASP B 12 1.13 8.23 6.09
C ASP B 12 0.01 9.22 5.78
N LYS B 13 -0.44 10.01 6.75
CA LYS B 13 -1.63 10.89 6.54
C LYS B 13 -1.40 11.90 5.40
N ARG B 14 -0.22 12.52 5.31
CA ARG B 14 0.08 13.56 4.30
C ARG B 14 -0.01 12.97 2.89
N SER B 15 0.61 11.80 2.67
CA SER B 15 0.61 11.12 1.36
C SER B 15 -0.80 10.62 1.02
N PHE B 16 -1.54 10.16 2.03
CA PHE B 16 -2.93 9.73 1.80
C PHE B 16 -3.77 10.96 1.41
N LEU B 17 -3.57 12.07 2.10
CA LEU B 17 -4.31 13.31 1.78
C LEU B 17 -3.93 13.74 0.37
N LEU B 18 -2.65 13.64 0.01
CA LEU B 18 -2.35 14.08 -1.36
C LEU B 18 -3.20 13.30 -2.36
N ASP B 19 -3.34 11.98 -2.15
CA ASP B 19 -4.09 11.20 -3.13
C ASP B 19 -5.56 11.57 -3.11
N LEU B 20 -6.12 11.78 -1.91
CA LEU B 20 -7.51 12.22 -1.81
C LEU B 20 -7.70 13.53 -2.55
N LEU B 21 -6.74 14.45 -2.50
CA LEU B 21 -6.85 15.75 -3.22
C LEU B 21 -6.61 15.58 -4.74
N ASN B 22 -5.69 14.71 -5.16
CA ASN B 22 -5.38 14.49 -6.60
C ASN B 22 -6.60 13.92 -7.34
N ALA B 23 -7.54 13.33 -6.61
CA ALA B 23 -8.75 12.73 -7.19
C ALA B 23 -9.93 13.71 -7.13
N THR B 24 -9.79 14.78 -6.35
CA THR B 24 -10.85 15.81 -6.27
C THR B 24 -11.17 16.28 -7.70
N GLY B 25 -12.44 16.46 -8.02
CA GLY B 25 -12.83 17.00 -9.33
C GLY B 25 -12.64 18.51 -9.39
N LYS B 26 -11.79 19.01 -10.30
CA LYS B 26 -11.54 20.48 -10.44
C LYS B 26 -11.30 21.04 -9.04
N ASP B 27 -11.00 20.14 -8.11
CA ASP B 27 -10.86 20.57 -6.70
C ASP B 27 -12.19 21.22 -6.27
N SER B 28 -13.28 20.46 -6.20
CA SER B 28 -14.52 20.98 -5.57
C SER B 28 -14.11 21.42 -4.16
N LEU B 29 -15.01 22.00 -3.37
CA LEU B 29 -14.57 22.58 -2.10
C LEU B 29 -14.33 21.50 -1.05
N THR B 30 -13.11 21.47 -0.51
CA THR B 30 -12.71 20.47 0.47
C THR B 30 -12.26 21.14 1.75
N LEU B 31 -12.83 20.70 2.86
CA LEU B 31 -12.48 21.14 4.19
C LEU B 31 -11.70 20.04 4.91
N VAL B 32 -10.51 20.34 5.41
CA VAL B 32 -9.63 19.38 6.08
C VAL B 32 -9.53 19.81 7.53
N PHE B 33 -10.05 18.98 8.45
CA PHE B 33 -9.92 19.21 9.88
C PHE B 33 -8.64 18.56 10.38
N VAL B 34 -7.83 19.32 11.14
CA VAL B 34 -6.57 18.86 11.73
C VAL B 34 -6.59 19.12 13.24
N ASP B 35 -5.87 18.28 13.98
CA ASP B 35 -5.79 18.48 15.41
C ASP B 35 -4.96 19.73 15.71
N PRO B 36 -5.36 20.56 16.68
CA PRO B 36 -4.51 21.70 17.08
C PRO B 36 -3.11 21.30 17.52
N LYS B 37 -2.91 20.06 17.96
CA LYS B 37 -1.55 19.63 18.25
C LYS B 37 -0.67 19.67 16.99
N LYS B 38 -1.26 19.51 15.80
CA LYS B 38 -0.46 19.72 14.60
C LYS B 38 -0.54 21.14 14.11
N GLY B 39 -1.75 21.75 14.17
CA GLY B 39 -1.98 23.09 13.66
C GLY B 39 -2.28 23.13 12.17
N ALA B 40 -3.16 24.07 11.77
CA ALA B 40 -3.54 24.20 10.36
C ALA B 40 -2.40 24.73 9.49
N ASP B 41 -1.44 25.47 10.05
CA ASP B 41 -0.30 25.95 9.26
C ASP B 41 0.51 24.80 8.69
N SER B 42 0.84 23.81 9.53
CA SER B 42 1.66 22.69 9.08
C SER B 42 1.08 22.06 7.81
N LEU B 43 -0.24 21.82 7.79
CA LEU B 43 -0.88 21.20 6.63
C LEU B 43 -1.04 22.17 5.46
N GLU B 44 -1.49 23.41 5.73
CA GLU B 44 -1.63 24.37 4.63
C GLU B 44 -0.30 24.56 3.90
N ASP B 45 0.79 24.76 4.64
CA ASP B 45 2.09 25.06 4.06
C ASP B 45 2.66 23.85 3.33
N PHE B 46 2.40 22.64 3.83
CA PHE B 46 2.78 21.44 3.08
C PHE B 46 2.05 21.37 1.75
N LEU B 47 0.73 21.66 1.76
CA LEU B 47 -0.06 21.65 0.53
C LEU B 47 0.45 22.69 -0.46
N TYR B 48 0.71 23.91 0.02
CA TYR B 48 1.30 24.93 -0.82
C TYR B 48 2.60 24.45 -1.41
N HIS B 49 3.52 23.98 -0.56
CA HIS B 49 4.79 23.50 -1.08
C HIS B 49 4.57 22.45 -2.17
N GLU B 50 3.60 21.57 -1.98
CA GLU B 50 3.30 20.53 -2.93
C GLU B 50 2.55 21.04 -4.14
N GLY B 51 2.36 22.35 -4.27
CA GLY B 51 1.73 22.95 -5.44
C GLY B 51 0.23 23.06 -5.40
N TYR B 52 -0.39 23.06 -4.23
CA TYR B 52 -1.85 23.11 -4.12
C TYR B 52 -2.30 24.52 -3.75
N ALA B 53 -3.41 24.98 -4.35
CA ALA B 53 -4.05 26.23 -3.95
C ALA B 53 -4.95 25.93 -2.75
N CYS B 54 -4.63 26.51 -1.60
CA CYS B 54 -5.32 26.21 -0.36
C CYS B 54 -5.17 27.40 0.58
N THR B 55 -5.83 27.30 1.72
CA THR B 55 -5.89 28.38 2.68
C THR B 55 -6.29 27.77 4.01
N SER B 56 -6.27 28.59 5.06
CA SER B 56 -6.52 28.08 6.38
C SER B 56 -7.26 29.12 7.21
N ILE B 57 -7.96 28.66 8.27
CA ILE B 57 -8.49 29.52 9.31
C ILE B 57 -7.96 29.06 10.66
N HIS B 58 -7.86 30.02 11.58
CA HIS B 58 -7.39 29.85 12.95
C HIS B 58 -8.32 30.67 13.83
N GLY B 59 -8.45 30.33 15.09
CA GLY B 59 -9.40 31.06 15.96
C GLY B 59 -8.80 32.34 16.52
N ASP B 60 -7.49 32.53 16.40
CA ASP B 60 -6.82 33.70 17.03
C ASP B 60 -6.47 34.78 16.02
N ARG B 61 -6.95 34.65 14.79
CA ARG B 61 -6.50 35.64 13.78
C ARG B 61 -7.53 36.75 13.59
N SER B 62 -7.13 37.83 12.91
CA SER B 62 -8.03 38.98 12.64
C SER B 62 -9.23 38.52 11.81
N GLN B 63 -10.35 39.22 11.98
CA GLN B 63 -11.49 38.92 11.12
C GLN B 63 -11.13 39.21 9.66
N ARG B 64 -10.31 40.22 9.42
CA ARG B 64 -9.85 40.48 8.05
C ARG B 64 -9.15 39.26 7.43
N ASP B 65 -8.25 38.64 8.19
CA ASP B 65 -7.55 37.47 7.63
C ASP B 65 -8.51 36.31 7.41
N ARG B 66 -9.39 36.03 8.38
CA ARG B 66 -10.39 34.98 8.28
C ARG B 66 -11.23 35.14 7.03
N GLU B 67 -11.71 36.36 6.80
CA GLU B 67 -12.68 36.58 5.72
C GLU B 67 -12.00 36.52 4.37
N GLU B 68 -10.74 36.96 4.28
CA GLU B 68 -9.99 36.79 3.03
C GLU B 68 -9.77 35.30 2.72
N ALA B 69 -9.43 34.51 3.75
CA ALA B 69 -9.29 33.07 3.52
C ALA B 69 -10.62 32.45 3.09
N LEU B 70 -11.71 32.82 3.79
CA LEU B 70 -13.02 32.25 3.51
C LEU B 70 -13.49 32.65 2.14
N HIS B 71 -13.11 33.85 1.66
CA HIS B 71 -13.54 34.21 0.31
C HIS B 71 -12.73 33.47 -0.75
N GLN B 72 -11.41 33.37 -0.56
CA GLN B 72 -10.62 32.53 -1.47
C GLN B 72 -11.22 31.12 -1.55
N PHE B 73 -11.58 30.56 -0.41
CA PHE B 73 -12.16 29.23 -0.40
C PHE B 73 -13.52 29.22 -1.12
N ARG B 74 -14.47 30.03 -0.62
CA ARG B 74 -15.83 30.02 -1.17
C ARG B 74 -15.86 30.27 -2.67
N SER B 75 -14.99 31.12 -3.17
CA SER B 75 -15.04 31.42 -4.59
C SER B 75 -14.32 30.40 -5.45
N GLY B 76 -13.67 29.38 -4.85
CA GLY B 76 -12.97 28.36 -5.59
C GLY B 76 -11.56 28.70 -6.03
N LYS B 77 -11.03 29.86 -5.64
CA LYS B 77 -9.63 30.17 -5.91
C LYS B 77 -8.67 29.35 -5.05
N SER B 78 -9.09 29.02 -3.83
CA SER B 78 -8.30 28.18 -2.91
C SER B 78 -9.25 27.13 -2.40
N PRO B 79 -9.55 26.12 -3.22
CA PRO B 79 -10.68 25.24 -2.93
C PRO B 79 -10.42 24.22 -1.84
N ILE B 80 -9.29 24.34 -1.13
CA ILE B 80 -8.97 23.52 0.03
C ILE B 80 -8.82 24.45 1.22
N LEU B 81 -9.56 24.16 2.30
CA LEU B 81 -9.48 24.93 3.53
C LEU B 81 -9.04 24.00 4.66
N VAL B 82 -7.93 24.35 5.34
CA VAL B 82 -7.50 23.65 6.55
C VAL B 82 -8.00 24.37 7.78
N ALA B 83 -8.50 23.63 8.77
CA ALA B 83 -9.08 24.24 9.96
C ALA B 83 -8.94 23.30 11.15
N THR B 84 -8.79 23.86 12.36
CA THR B 84 -9.11 23.08 13.56
C THR B 84 -10.60 23.18 13.85
N ALA B 85 -11.07 22.36 14.79
CA ALA B 85 -12.47 22.44 15.19
C ALA B 85 -12.80 23.80 15.79
N VAL B 86 -11.99 24.26 16.74
CA VAL B 86 -12.20 25.58 17.33
C VAL B 86 -12.27 26.62 16.23
N ALA B 87 -11.33 26.60 15.29
CA ALA B 87 -11.31 27.64 14.23
C ALA B 87 -12.56 27.57 13.35
N ALA B 88 -13.15 26.39 13.19
CA ALA B 88 -14.29 26.21 12.26
C ALA B 88 -15.64 26.39 12.96
N ARG B 89 -15.64 26.84 14.21
CA ARG B 89 -16.90 27.10 14.94
C ARG B 89 -17.66 28.21 14.21
N GLY B 90 -18.92 27.97 13.88
CA GLY B 90 -19.75 28.97 13.20
C GLY B 90 -19.60 28.94 11.70
N LEU B 91 -18.68 28.10 11.21
CA LEU B 91 -18.41 28.06 9.76
C LEU B 91 -19.62 27.52 9.01
N ASP B 92 -20.05 28.25 7.99
CA ASP B 92 -21.12 27.73 7.11
C ASP B 92 -20.45 26.80 6.11
N ILE B 93 -20.66 25.49 6.26
CA ILE B 93 -19.97 24.50 5.40
C ILE B 93 -20.98 23.91 4.42
N SER B 94 -22.05 24.63 4.11
CA SER B 94 -23.14 24.08 3.26
C SER B 94 -22.72 23.96 1.79
N ASN B 95 -21.61 24.57 1.40
CA ASN B 95 -21.11 24.48 0.00
C ASN B 95 -19.93 23.50 -0.10
N VAL B 96 -19.57 22.84 0.99
CA VAL B 96 -18.41 21.89 1.00
C VAL B 96 -18.85 20.52 0.47
N LYS B 97 -18.22 20.06 -0.60
CA LYS B 97 -18.54 18.71 -1.13
C LYS B 97 -17.82 17.64 -0.31
N HIS B 98 -16.60 17.91 0.12
CA HIS B 98 -15.80 16.88 0.81
C HIS B 98 -15.22 17.35 2.13
N VAL B 99 -15.58 16.69 3.19
CA VAL B 99 -14.94 16.90 4.47
C VAL B 99 -13.96 15.77 4.65
N ILE B 100 -12.71 16.12 5.01
CA ILE B 100 -11.67 15.18 5.35
C ILE B 100 -11.26 15.43 6.78
N ASN B 101 -11.52 14.45 7.67
CA ASN B 101 -10.96 14.43 9.00
C ASN B 101 -9.55 13.85 8.95
N PHE B 102 -8.57 14.73 8.67
CA PHE B 102 -7.16 14.35 8.73
C PHE B 102 -6.81 13.80 10.12
N ASP B 103 -7.32 14.43 11.17
CA ASP B 103 -7.34 13.89 12.53
C ASP B 103 -8.80 13.76 12.96
N LEU B 104 -9.12 12.64 13.58
CA LEU B 104 -10.43 12.53 14.19
C LEU B 104 -10.42 13.23 15.54
N PRO B 105 -11.57 13.72 16.00
CA PRO B 105 -11.65 14.30 17.35
C PRO B 105 -11.77 13.22 18.44
N SER B 106 -11.71 13.72 19.69
CA SER B 106 -11.81 12.86 20.86
C SER B 106 -13.17 12.21 20.98
N ASP B 107 -14.26 12.91 20.63
CA ASP B 107 -15.59 12.44 20.99
C ASP B 107 -16.46 12.43 19.75
N ILE B 108 -17.45 11.53 19.76
CA ILE B 108 -18.26 11.33 18.58
C ILE B 108 -19.17 12.52 18.33
N GLU B 109 -19.51 13.28 19.38
CA GLU B 109 -20.35 14.48 19.22
C GLU B 109 -19.68 15.52 18.31
N GLU B 110 -18.37 15.75 18.49
CA GLU B 110 -17.69 16.69 17.61
C GLU B 110 -17.68 16.18 16.17
N TYR B 111 -17.47 14.87 15.99
CA TYR B 111 -17.55 14.28 14.65
C TYR B 111 -18.91 14.53 14.04
N VAL B 112 -19.96 14.38 14.87
CA VAL B 112 -21.34 14.59 14.36
C VAL B 112 -21.49 16.05 13.97
N HIS B 113 -20.90 16.95 14.77
CA HIS B 113 -20.92 18.39 14.40
C HIS B 113 -20.41 18.55 12.97
N ARG B 114 -19.16 18.17 12.71
CA ARG B 114 -18.67 18.23 11.31
C ARG B 114 -19.37 17.14 10.50
N ASN B 123 -24.96 20.39 0.69
CA ASN B 123 -24.18 19.99 -0.49
C ASN B 123 -23.00 19.04 -0.14
N LEU B 124 -22.94 18.57 1.10
CA LEU B 124 -21.86 17.69 1.52
C LEU B 124 -21.99 16.30 0.85
N GLY B 125 -21.07 15.96 -0.07
CA GLY B 125 -21.14 14.67 -0.75
C GLY B 125 -20.38 13.52 -0.09
N LEU B 126 -19.35 13.83 0.71
CA LEU B 126 -18.44 12.79 1.21
C LEU B 126 -17.73 13.29 2.47
N ALA B 127 -17.69 12.47 3.50
CA ALA B 127 -16.84 12.65 4.66
C ALA B 127 -15.85 11.48 4.73
N THR B 128 -14.56 11.75 4.47
CA THR B 128 -13.49 10.76 4.65
C THR B 128 -12.75 11.06 5.96
N SER B 129 -12.68 10.09 6.87
CA SER B 129 -11.98 10.20 8.15
C SER B 129 -10.77 9.27 8.17
N PHE B 130 -9.64 9.77 8.70
CA PHE B 130 -8.44 8.98 8.89
C PHE B 130 -8.45 8.46 10.32
N PHE B 131 -8.15 7.17 10.46
CA PHE B 131 -8.26 6.47 11.73
C PHE B 131 -6.97 5.71 11.95
N ASN B 132 -6.47 5.71 13.18
CA ASN B 132 -5.40 4.79 13.62
C ASN B 132 -5.54 4.61 15.13
N GLU B 133 -4.49 4.07 15.76
CA GLU B 133 -4.67 3.58 17.14
C GLU B 133 -5.00 4.72 18.09
N ARG B 134 -4.53 5.93 17.77
CA ARG B 134 -4.80 7.08 18.63
C ARG B 134 -6.29 7.33 18.78
N ASN B 135 -7.12 6.73 17.93
CA ASN B 135 -8.56 7.00 17.95
C ASN B 135 -9.35 5.85 18.55
N ILE B 136 -8.69 4.91 19.21
CA ILE B 136 -9.38 3.68 19.72
C ILE B 136 -10.60 4.02 20.58
N ASN B 137 -10.54 5.05 21.40
CA ASN B 137 -11.64 5.34 22.36
C ASN B 137 -12.95 5.65 21.63
N ILE B 138 -12.93 5.93 20.34
CA ILE B 138 -14.18 6.36 19.64
C ILE B 138 -14.63 5.26 18.69
N THR B 139 -13.97 4.10 18.73
CA THR B 139 -14.30 3.03 17.75
C THR B 139 -15.77 2.63 17.82
N LYS B 140 -16.30 2.29 19.00
CA LYS B 140 -17.68 1.75 19.06
C LYS B 140 -18.68 2.84 18.71
N ASP B 141 -18.46 4.04 19.23
CA ASP B 141 -19.36 5.17 18.93
C ASP B 141 -19.34 5.42 17.43
N LEU B 142 -18.16 5.40 16.80
CA LEU B 142 -18.13 5.63 15.37
C LEU B 142 -18.79 4.46 14.65
N LEU B 143 -18.55 3.24 15.16
CA LEU B 143 -19.25 2.07 14.67
C LEU B 143 -20.76 2.28 14.71
N ASP B 144 -21.30 2.56 15.91
CA ASP B 144 -22.75 2.68 16.03
C ASP B 144 -23.26 3.67 14.99
N LEU B 145 -22.60 4.82 14.85
CA LEU B 145 -23.11 5.87 13.92
C LEU B 145 -23.17 5.35 12.49
N LEU B 146 -22.11 4.69 12.03
CA LEU B 146 -22.04 4.23 10.61
C LEU B 146 -23.17 3.24 10.35
N VAL B 147 -23.57 2.47 11.37
CA VAL B 147 -24.74 1.57 11.23
C VAL B 147 -26.00 2.41 11.00
N GLU B 148 -26.19 3.46 11.81
CA GLU B 148 -27.39 4.34 11.70
C GLU B 148 -27.51 4.92 10.29
N ALA B 149 -26.41 5.33 9.66
CA ALA B 149 -26.49 5.98 8.34
C ALA B 149 -26.45 4.95 7.22
N LYS B 150 -26.64 3.68 7.58
CA LYS B 150 -26.63 2.61 6.56
C LYS B 150 -25.34 2.79 5.78
N GLN B 151 -24.24 2.96 6.52
CA GLN B 151 -22.98 3.20 5.86
C GLN B 151 -22.09 1.97 5.96
N GLU B 152 -21.24 1.79 4.94
CA GLU B 152 -20.19 0.78 4.95
C GLU B 152 -19.46 0.76 6.28
N VAL B 153 -19.32 -0.42 6.87
CA VAL B 153 -18.58 -0.58 8.11
C VAL B 153 -17.39 -1.50 7.82
N PRO B 154 -16.14 -1.00 7.94
CA PRO B 154 -14.98 -1.90 7.73
C PRO B 154 -14.88 -2.96 8.79
N SER B 155 -14.69 -4.21 8.34
CA SER B 155 -14.48 -5.36 9.22
C SER B 155 -13.50 -5.06 10.34
N TRP B 156 -12.39 -4.44 9.98
CA TRP B 156 -11.37 -4.22 10.97
C TRP B 156 -11.87 -3.27 12.05
N LEU B 157 -12.82 -2.40 11.71
CA LEU B 157 -13.32 -1.45 12.71
C LEU B 157 -14.13 -2.16 13.78
N GLU B 158 -14.91 -3.16 13.39
CA GLU B 158 -15.67 -3.95 14.41
C GLU B 158 -14.69 -4.76 15.26
N ASN B 159 -13.72 -5.41 14.61
CA ASN B 159 -12.75 -6.27 15.34
C ASN B 159 -11.88 -5.42 16.28
N MET B 160 -11.89 -4.11 16.09
CA MET B 160 -11.11 -3.20 16.96
C MET B 160 -12.03 -2.72 18.08
N ALA B 161 -13.31 -2.49 17.77
CA ALA B 161 -14.26 -2.15 18.83
C ALA B 161 -14.33 -3.25 19.90
N TYR B 162 -14.02 -4.49 19.52
CA TYR B 162 -13.98 -5.65 20.42
C TYR B 162 -12.89 -5.56 21.48
#